data_5MJT
#
_entry.id   5MJT
#
_cell.length_a   69.492
_cell.length_b   71.613
_cell.length_c   72.129
_cell.angle_alpha   90.00
_cell.angle_beta   99.73
_cell.angle_gamma   90.00
#
_symmetry.space_group_name_H-M   'C 1 2 1'
#
loop_
_entity.id
_entity.type
_entity.pdbx_description
1 polymer 'Thrombin light chain'
2 polymer 'Thrombin heavy chain'
3 polymer 'Hirudin variant-2'
4 non-polymer beta-phenyl-D-phenylalanyl-N-(3-chlorobenzyl)-L-prolinamide
5 non-polymer 'DIMETHYL SULFOXIDE'
6 non-polymer 'PHOSPHATE ION'
7 non-polymer GLYCEROL
8 non-polymer 'SODIUM ION'
9 water water
#
loop_
_entity_poly.entity_id
_entity_poly.type
_entity_poly.pdbx_seq_one_letter_code
_entity_poly.pdbx_strand_id
1 'polypeptide(L)' TFGSGEADCGLRPLFEKKSLEDKTERELLESYIDGR L
2 'polypeptide(L)'
;IVEGSDAEIGMSPWQVMLFRKSPQELLCGASLISDRWVLTAAHCLLYPPWDKNFTENDLLVRIGKHSRTRYERNIEKISM
LEKIYIHPRYNWRENLDRDIALMKLKKPVAFSDYIHPVCLPDRETAASLLQAGYKGRVTGWGNLKETWTANVGKGQPSVL
QVVNLPIVERPVCKDSTRIRITDNMFCAGYKPDEGKRGDSCEGDSGGPFVMKSPFNNRWYQMGIVSWGEGCDRDGKYGFY
THVFRLKKWIQKVIDQFGE
;
H
3 'polypeptide(L)' GDFEEIPEE(TYS)LQ D
#
loop_
_chem_comp.id
_chem_comp.type
_chem_comp.name
_chem_comp.formula
23U non-polymer beta-phenyl-D-phenylalanyl-N-(3-chlorobenzyl)-L-prolinamide 'C27 H28 Cl N3 O2'
DMS non-polymer 'DIMETHYL SULFOXIDE' 'C2 H6 O S'
GOL non-polymer GLYCEROL 'C3 H8 O3'
NA non-polymer 'SODIUM ION' 'Na 1'
PO4 non-polymer 'PHOSPHATE ION' 'O4 P -3'
#
# COMPACT_ATOMS: atom_id res chain seq x y z
N GLU A 6 -12.03 -2.76 11.69
CA GLU A 6 -12.84 -3.96 12.03
C GLU A 6 -12.25 -4.72 13.22
N ALA A 7 -13.13 -5.31 14.02
CA ALA A 7 -12.68 -6.13 15.14
C ALA A 7 -11.77 -7.26 14.67
N ASP A 8 -11.95 -7.71 13.43
CA ASP A 8 -11.22 -8.82 12.86
C ASP A 8 -10.08 -8.38 11.92
N CYS A 9 -9.76 -7.10 11.93
CA CYS A 9 -8.78 -6.60 10.99
C CYS A 9 -7.42 -7.29 11.17
N GLY A 10 -6.69 -7.38 10.07
CA GLY A 10 -5.30 -7.77 10.13
C GLY A 10 -5.05 -9.23 10.37
N LEU A 11 -6.09 -10.06 10.38
CA LEU A 11 -5.96 -11.50 10.59
C LEU A 11 -6.35 -12.18 9.30
N ARG A 12 -5.39 -12.76 8.60
CA ARG A 12 -5.66 -13.25 7.23
C ARG A 12 -6.35 -14.60 7.29
N PRO A 13 -7.43 -14.79 6.51
CA PRO A 13 -8.10 -16.11 6.47
C PRO A 13 -7.20 -17.28 6.20
N LEU A 14 -6.22 -17.13 5.32
CA LEU A 14 -5.39 -18.26 4.90
C LEU A 14 -4.12 -18.39 5.70
N PHE A 15 -3.88 -17.50 6.67
CA PHE A 15 -2.69 -17.53 7.49
C PHE A 15 -3.05 -17.48 8.96
N GLU A 16 -3.19 -16.29 9.55
CA GLU A 16 -3.42 -16.21 10.99
C GLU A 16 -4.66 -16.98 11.40
N LYS A 17 -5.74 -16.93 10.61
CA LYS A 17 -6.95 -17.60 11.05
C LYS A 17 -6.81 -19.11 11.07
N LYS A 18 -5.83 -19.68 10.37
CA LYS A 18 -5.55 -21.11 10.38
C LYS A 18 -4.27 -21.45 11.11
N SER A 19 -3.64 -20.49 11.77
CA SER A 19 -2.31 -20.67 12.36
C SER A 19 -1.28 -21.22 11.38
N LEU A 20 -1.29 -20.68 10.16
CA LEU A 20 -0.25 -20.93 9.16
C LEU A 20 0.56 -19.66 8.97
N GLU A 21 1.87 -19.82 8.85
CA GLU A 21 2.79 -18.72 8.62
C GLU A 21 3.12 -18.62 7.14
N ASP A 22 3.22 -17.38 6.66
CA ASP A 22 3.72 -17.22 5.30
C ASP A 22 5.24 -17.36 5.29
N LYS A 23 5.81 -17.43 4.09
CA LYS A 23 7.20 -17.86 3.95
C LYS A 23 8.23 -16.84 4.45
N THR A 24 7.87 -15.57 4.64
CA THR A 24 8.85 -14.58 5.08
C THR A 24 8.43 -13.73 6.27
N GLU A 25 7.27 -13.95 6.87
CA GLU A 25 6.85 -13.10 7.98
C GLU A 25 7.84 -13.18 9.14
N ARG A 26 8.52 -14.30 9.31
CA ARG A 26 9.49 -14.40 10.39
C ARG A 26 10.62 -13.38 10.23
N GLU A 27 10.95 -13.00 8.98
CA GLU A 27 11.95 -11.98 8.76
C GLU A 27 11.54 -10.67 9.43
N LEU A 28 10.27 -10.35 9.37
CA LEU A 28 9.78 -9.15 10.03
C LEU A 28 9.92 -9.29 11.54
N LEU A 29 9.43 -10.39 12.10
CA LEU A 29 9.47 -10.59 13.54
C LEU A 29 10.88 -10.49 14.08
N GLU A 30 11.84 -11.09 13.36
CA GLU A 30 13.24 -11.09 13.82
C GLU A 30 13.84 -9.70 13.85
N SER A 31 13.29 -8.76 13.11
CA SER A 31 13.77 -7.40 13.13
C SER A 31 13.20 -6.58 14.27
N TYR A 32 12.17 -7.06 14.96
CA TYR A 32 11.47 -6.27 15.98
C TYR A 32 12.07 -6.51 17.37
N ILE A 33 12.88 -5.57 17.84
CA ILE A 33 13.52 -5.69 19.17
C ILE A 33 12.56 -5.32 20.30
N ASP A 34 11.74 -4.29 20.11
CA ASP A 34 10.93 -3.71 21.19
C ASP A 34 10.09 -4.77 21.88
N GLY A 35 10.12 -4.77 23.22
CA GLY A 35 9.19 -5.58 23.99
C GLY A 35 9.57 -7.03 24.19
N ARG A 36 10.66 -7.53 23.63
CA ARG A 36 10.91 -8.97 23.88
C ARG A 36 11.65 -9.22 25.19
N ILE B 1 7.29 -3.54 -7.94
CA ILE B 1 8.20 -3.98 -6.88
C ILE B 1 9.48 -4.51 -7.51
N VAL B 2 10.63 -3.99 -7.07
CA VAL B 2 11.94 -4.41 -7.58
C VAL B 2 12.57 -5.35 -6.56
N GLU B 3 13.08 -6.48 -7.04
CA GLU B 3 13.81 -7.45 -6.22
C GLU B 3 12.90 -8.06 -5.14
N GLY B 4 11.63 -8.16 -5.45
CA GLY B 4 10.70 -8.89 -4.60
C GLY B 4 10.47 -10.29 -5.13
N SER B 5 9.38 -10.89 -4.65
CA SER B 5 9.01 -12.23 -5.07
C SER B 5 7.50 -12.30 -5.30
N ASP B 6 7.07 -13.39 -5.92
CA ASP B 6 5.64 -13.62 -6.08
C ASP B 6 4.98 -13.78 -4.71
N ALA B 7 3.86 -13.12 -4.51
CA ALA B 7 3.09 -13.29 -3.28
C ALA B 7 2.48 -14.68 -3.23
N GLU B 8 2.30 -15.19 -2.02
CA GLU B 8 1.48 -16.37 -1.80
C GLU B 8 0.01 -16.02 -1.94
N ILE B 9 -0.80 -17.04 -2.24
CA ILE B 9 -2.25 -16.83 -2.31
C ILE B 9 -2.77 -16.39 -0.96
N GLY B 10 -3.53 -15.29 -0.94
CA GLY B 10 -4.12 -14.79 0.27
C GLY B 10 -3.14 -14.13 1.21
N MET B 11 -1.92 -13.82 0.73
CA MET B 11 -0.90 -13.25 1.62
C MET B 11 -1.21 -11.81 1.99
N SER B 12 -1.88 -11.09 1.11
CA SER B 12 -2.14 -9.67 1.28
C SER B 12 -3.59 -9.41 0.89
N PRO B 13 -4.54 -9.90 1.69
CA PRO B 13 -5.95 -9.92 1.25
C PRO B 13 -6.61 -8.54 1.35
N TRP B 14 -5.89 -7.56 1.88
CA TRP B 14 -6.28 -6.17 1.85
C TRP B 14 -5.78 -5.44 0.61
N GLN B 15 -4.97 -6.07 -0.24
CA GLN B 15 -4.45 -5.39 -1.42
C GLN B 15 -5.59 -5.04 -2.37
N VAL B 16 -5.56 -3.83 -2.90
CA VAL B 16 -6.56 -3.36 -3.84
C VAL B 16 -5.83 -2.85 -5.07
N MET B 17 -6.40 -3.10 -6.24
CA MET B 17 -5.94 -2.51 -7.49
C MET B 17 -6.88 -1.39 -7.90
N LEU B 18 -6.33 -0.19 -8.10
CA LEU B 18 -7.07 0.91 -8.70
C LEU B 18 -6.95 0.76 -10.22
N PHE B 19 -8.10 0.76 -10.89
CA PHE B 19 -8.19 0.34 -12.29
C PHE B 19 -8.93 1.43 -13.07
N ARG B 20 -8.32 1.90 -14.15
CA ARG B 20 -8.98 2.87 -15.02
C ARG B 20 -10.01 2.16 -15.90
N LYS B 21 -11.18 2.79 -16.04
CA LYS B 21 -12.24 2.19 -16.85
C LYS B 21 -11.92 2.25 -18.34
N SER B 22 -11.36 3.36 -18.80
CA SER B 22 -11.13 3.57 -20.24
C SER B 22 -9.96 4.53 -20.48
N PRO B 23 -8.86 4.03 -21.06
CA PRO B 23 -8.57 2.64 -21.39
C PRO B 23 -8.48 1.82 -20.10
N GLN B 24 -8.75 0.52 -20.20
CA GLN B 24 -8.67 -0.38 -19.06
C GLN B 24 -7.19 -0.61 -18.74
N GLU B 25 -6.75 -0.16 -17.56
CA GLU B 25 -5.34 -0.29 -17.20
C GLU B 25 -5.18 -0.11 -15.69
N LEU B 26 -4.10 -0.66 -15.19
CA LEU B 26 -3.76 -0.45 -13.78
C LEU B 26 -3.36 0.99 -13.58
N LEU B 27 -3.86 1.58 -12.50
CA LEU B 27 -3.48 2.94 -12.12
C LEU B 27 -2.62 3.01 -10.89
N CYS B 28 -2.85 2.15 -9.91
CA CYS B 28 -2.19 2.27 -8.61
C CYS B 28 -2.58 1.08 -7.77
N GLY B 29 -1.89 0.92 -6.66
CA GLY B 29 -2.36 0.11 -5.58
C GLY B 29 -3.17 0.90 -4.57
N ALA B 30 -3.65 0.19 -3.57
CA ALA B 30 -4.55 0.69 -2.55
C ALA B 30 -4.75 -0.45 -1.54
N SER B 31 -5.46 -0.15 -0.46
CA SER B 31 -5.70 -1.14 0.59
C SER B 31 -7.13 -1.04 1.13
N LEU B 32 -7.64 -2.21 1.53
CA LEU B 32 -8.97 -2.33 2.12
C LEU B 32 -8.88 -2.17 3.64
N ILE B 33 -9.59 -1.18 4.17
CA ILE B 33 -9.56 -0.90 5.61
C ILE B 33 -10.90 -1.17 6.27
N SER B 34 -11.97 -1.42 5.51
CA SER B 34 -13.24 -1.84 6.07
C SER B 34 -14.04 -2.37 4.89
N ASP B 35 -15.31 -2.76 5.12
CA ASP B 35 -16.09 -3.26 4.02
C ASP B 35 -16.48 -2.19 2.99
N ARG B 36 -16.28 -0.90 3.25
CA ARG B 36 -16.66 0.12 2.28
C ARG B 36 -15.60 1.19 2.07
N TRP B 37 -14.41 1.08 2.68
CA TRP B 37 -13.41 2.13 2.60
C TRP B 37 -12.08 1.57 2.11
N VAL B 38 -11.47 2.28 1.17
CA VAL B 38 -10.20 1.94 0.57
C VAL B 38 -9.26 3.12 0.72
N LEU B 39 -8.03 2.84 1.13
CA LEU B 39 -7.01 3.84 1.36
C LEU B 39 -5.99 3.79 0.22
N THR B 40 -5.56 4.97 -0.26
CA THR B 40 -4.52 5.03 -1.29
C THR B 40 -3.71 6.31 -1.11
N ALA B 41 -2.79 6.53 -2.06
CA ALA B 41 -2.03 7.77 -2.13
C ALA B 41 -2.85 8.83 -2.85
N ALA B 42 -2.78 10.07 -2.38
CA ALA B 42 -3.42 11.18 -3.10
C ALA B 42 -2.90 11.32 -4.54
N HIS B 43 -1.61 11.10 -4.76
CA HIS B 43 -1.06 11.30 -6.10
C HIS B 43 -1.54 10.26 -7.10
N CYS B 44 -2.18 9.19 -6.65
CA CYS B 44 -2.86 8.26 -7.54
C CYS B 44 -4.06 8.89 -8.17
N LEU B 45 -4.63 9.90 -7.55
CA LEU B 45 -5.88 10.49 -8.01
C LEU B 45 -5.70 11.92 -8.48
N LEU B 46 -4.79 12.68 -7.88
CA LEU B 46 -4.63 14.08 -8.18
C LEU B 46 -3.14 14.38 -8.26
N TYR B 47 -2.66 14.74 -9.44
CA TYR B 47 -1.27 15.13 -9.63
C TYR B 47 -1.20 16.06 -10.83
N PRO B 48 -1.44 17.34 -10.61
CA PRO B 48 -1.49 18.33 -11.73
C PRO B 48 -0.25 18.36 -12.59
N PRO B 49 0.96 18.19 -12.07
CA PRO B 49 2.14 18.21 -12.96
C PRO B 49 2.05 17.24 -14.11
N TRP B 50 1.27 16.15 -13.95
CA TRP B 50 1.11 15.13 -14.98
C TRP B 50 -0.30 15.14 -15.52
N ASP B 51 -1.03 16.22 -15.28
CA ASP B 51 -2.41 16.37 -15.78
C ASP B 51 -3.33 15.25 -15.27
N LYS B 52 -3.09 14.78 -14.06
CA LYS B 52 -3.87 13.69 -13.45
C LYS B 52 -4.91 14.29 -12.51
N ASN B 53 -6.20 14.04 -12.80
CA ASN B 53 -7.27 14.52 -11.93
C ASN B 53 -8.45 13.58 -12.16
N PHE B 54 -8.39 12.40 -11.55
CA PHE B 54 -9.44 11.41 -11.74
C PHE B 54 -10.66 11.73 -10.88
N THR B 55 -11.82 11.44 -11.44
CA THR B 55 -13.08 11.55 -10.72
C THR B 55 -13.58 10.13 -10.44
N GLU B 56 -14.59 10.05 -9.57
CA GLU B 56 -15.13 8.76 -9.17
C GLU B 56 -15.48 7.87 -10.38
N ASN B 57 -16.15 8.43 -11.39
CA ASN B 57 -16.66 7.61 -12.47
C ASN B 57 -15.58 7.15 -13.42
N ASP B 58 -14.35 7.65 -13.28
CA ASP B 58 -13.25 7.22 -14.13
C ASP B 58 -12.67 5.88 -13.70
N LEU B 59 -13.00 5.41 -12.49
CA LEU B 59 -12.21 4.40 -11.80
C LEU B 59 -13.06 3.26 -11.29
N LEU B 60 -12.39 2.11 -11.12
CA LEU B 60 -12.92 1.00 -10.37
C LEU B 60 -11.85 0.56 -9.39
N VAL B 61 -12.25 -0.21 -8.38
CA VAL B 61 -11.30 -0.93 -7.55
C VAL B 61 -11.53 -2.42 -7.70
N ARG B 62 -10.44 -3.17 -7.70
CA ARG B 62 -10.49 -4.61 -7.88
C ARG B 62 -9.83 -5.22 -6.65
N ILE B 63 -10.57 -6.05 -5.93
CA ILE B 63 -10.20 -6.53 -4.61
C ILE B 63 -10.12 -8.04 -4.68
N GLY B 64 -9.17 -8.62 -3.97
CA GLY B 64 -8.99 -10.05 -3.96
C GLY B 64 -8.10 -10.60 -5.03
N LYS B 65 -7.34 -9.74 -5.72
CA LYS B 65 -6.59 -10.16 -6.88
C LYS B 65 -5.23 -10.75 -6.53
N HIS B 66 -4.73 -11.52 -7.49
CA HIS B 66 -3.37 -12.05 -7.44
C HIS B 66 -2.70 -11.80 -8.79
N SER B 67 -3.23 -12.37 -9.87
CA SER B 67 -2.77 -12.04 -11.21
C SER B 67 -2.92 -10.55 -11.51
N ARG B 68 -1.89 -9.96 -12.15
CA ARG B 68 -1.98 -8.55 -12.58
C ARG B 68 -3.06 -8.37 -13.63
N THR B 69 -3.04 -9.20 -14.68
CA THR B 69 -3.79 -8.86 -15.89
C THR B 69 -5.06 -9.69 -16.09
N ARG B 70 -5.15 -10.86 -15.45
N ARG B 70 -5.17 -10.85 -15.48
CA ARG B 70 -6.28 -11.74 -15.63
CA ARG B 70 -6.29 -11.71 -15.76
C ARG B 70 -7.52 -11.18 -14.94
C ARG B 70 -7.49 -11.35 -14.90
N TYR B 71 -8.68 -11.51 -15.47
CA TYR B 71 -9.94 -11.37 -14.73
C TYR B 71 -10.13 -12.64 -13.90
N GLU B 72 -10.03 -12.53 -12.58
CA GLU B 72 -9.97 -13.68 -11.68
C GLU B 72 -11.39 -14.03 -11.23
N ARG B 73 -12.08 -14.70 -12.15
CA ARG B 73 -13.48 -15.05 -11.97
C ARG B 73 -13.69 -15.90 -10.72
N ASN B 74 -14.73 -15.55 -9.96
CA ASN B 74 -15.14 -16.20 -8.70
C ASN B 74 -14.21 -15.92 -7.53
N ILE B 75 -13.23 -15.04 -7.71
CA ILE B 75 -12.26 -14.70 -6.69
C ILE B 75 -12.24 -13.20 -6.45
N GLU B 76 -11.85 -12.43 -7.47
CA GLU B 76 -11.79 -10.99 -7.29
C GLU B 76 -13.21 -10.41 -7.30
N LYS B 77 -13.33 -9.23 -6.69
CA LYS B 77 -14.55 -8.44 -6.71
C LYS B 77 -14.24 -7.05 -7.20
N ILE B 78 -15.13 -6.52 -8.02
CA ILE B 78 -14.94 -5.22 -8.64
C ILE B 78 -15.99 -4.27 -8.09
N SER B 79 -15.54 -3.14 -7.58
CA SER B 79 -16.41 -2.18 -6.92
C SER B 79 -16.29 -0.81 -7.55
N MET B 80 -17.43 -0.12 -7.62
CA MET B 80 -17.50 1.25 -8.09
C MET B 80 -17.31 2.20 -6.92
N LEU B 81 -16.91 3.43 -7.23
CA LEU B 81 -16.65 4.41 -6.19
C LEU B 81 -17.84 5.35 -6.01
N GLU B 82 -18.21 5.53 -4.75
CA GLU B 82 -19.16 6.56 -4.39
C GLU B 82 -18.52 7.94 -4.31
N LYS B 83 -17.35 8.03 -3.65
CA LYS B 83 -16.76 9.34 -3.38
C LYS B 83 -15.28 9.18 -3.09
N ILE B 84 -14.50 10.14 -3.60
CA ILE B 84 -13.07 10.30 -3.31
C ILE B 84 -12.89 11.44 -2.32
N TYR B 85 -11.97 11.24 -1.36
CA TYR B 85 -11.59 12.27 -0.40
C TYR B 85 -10.07 12.36 -0.37
N ILE B 86 -9.55 13.52 -0.70
CA ILE B 86 -8.11 13.78 -0.67
C ILE B 86 -7.80 14.63 0.55
N HIS B 87 -6.67 14.37 1.20
CA HIS B 87 -6.30 15.20 2.33
C HIS B 87 -6.29 16.69 1.94
N PRO B 88 -6.91 17.58 2.72
CA PRO B 88 -7.01 18.99 2.30
C PRO B 88 -5.68 19.71 2.29
N ARG B 89 -4.66 19.16 2.92
CA ARG B 89 -3.33 19.76 2.89
C ARG B 89 -2.33 18.88 2.17
N TYR B 90 -2.80 17.99 1.28
CA TYR B 90 -1.91 17.27 0.37
C TYR B 90 -1.11 18.25 -0.48
N ASN B 91 0.21 18.10 -0.43
CA ASN B 91 1.13 19.03 -1.10
C ASN B 91 1.67 18.39 -2.37
N TRP B 92 0.89 18.50 -3.45
CA TRP B 92 1.32 18.03 -4.74
C TRP B 92 2.30 19.00 -5.38
N ARG B 93 2.38 20.22 -4.89
N ARG B 93 2.40 20.23 -4.87
CA ARG B 93 3.24 21.20 -5.55
CA ARG B 93 3.21 21.26 -5.50
C ARG B 93 4.72 20.89 -5.32
C ARG B 93 4.71 21.08 -5.24
N GLU B 94 5.07 20.50 -4.09
CA GLU B 94 6.47 20.45 -3.65
C GLU B 94 7.00 19.04 -3.44
N ASN B 95 6.46 18.31 -2.44
CA ASN B 95 7.13 17.13 -1.92
C ASN B 95 6.17 16.00 -1.59
N LEU B 96 4.92 16.05 -2.04
CA LEU B 96 3.93 15.00 -1.74
C LEU B 96 3.68 14.87 -0.25
N ASP B 97 3.84 15.95 0.51
CA ASP B 97 3.46 15.92 1.93
C ASP B 97 1.99 15.60 2.07
N ARG B 98 1.68 14.67 3.00
CA ARG B 98 0.32 14.24 3.30
C ARG B 98 -0.33 13.55 2.10
N ASP B 99 0.42 12.59 1.54
CA ASP B 99 0.03 11.88 0.30
C ASP B 99 -0.94 10.75 0.67
N ILE B 100 -2.20 11.14 0.89
CA ILE B 100 -3.20 10.18 1.39
C ILE B 100 -4.57 10.55 0.83
N ALA B 101 -5.36 9.53 0.51
CA ALA B 101 -6.71 9.69 0.02
C ALA B 101 -7.52 8.47 0.42
N LEU B 102 -8.81 8.69 0.59
CA LEU B 102 -9.79 7.64 0.85
C LEU B 102 -10.78 7.58 -0.29
N MET B 103 -11.27 6.37 -0.54
CA MET B 103 -12.33 6.13 -1.50
C MET B 103 -13.42 5.33 -0.80
N LYS B 104 -14.65 5.83 -0.83
CA LYS B 104 -15.80 5.09 -0.32
C LYS B 104 -16.42 4.30 -1.47
N LEU B 105 -16.70 3.03 -1.23
CA LEU B 105 -17.30 2.19 -2.25
C LEU B 105 -18.81 2.37 -2.29
N LYS B 106 -19.37 2.19 -3.48
CA LYS B 106 -20.82 2.34 -3.64
C LYS B 106 -21.59 1.31 -2.82
N LYS B 107 -21.05 0.10 -2.71
CA LYS B 107 -21.67 -0.95 -1.92
C LYS B 107 -20.60 -1.66 -1.11
N PRO B 108 -20.93 -2.16 0.08
CA PRO B 108 -19.95 -2.94 0.84
C PRO B 108 -19.52 -4.20 0.09
N VAL B 109 -18.23 -4.56 0.26
CA VAL B 109 -17.66 -5.75 -0.36
C VAL B 109 -17.75 -6.90 0.63
N ALA B 110 -18.03 -8.08 0.11
CA ALA B 110 -18.08 -9.27 0.95
C ALA B 110 -16.67 -9.79 1.20
N PHE B 111 -16.36 -10.05 2.46
CA PHE B 111 -15.07 -10.62 2.77
C PHE B 111 -15.02 -12.09 2.39
N SER B 112 -13.83 -12.61 2.21
CA SER B 112 -13.61 -13.98 1.74
C SER B 112 -12.22 -14.41 2.16
N ASP B 113 -11.80 -15.59 1.71
CA ASP B 113 -10.43 -16.01 1.96
C ASP B 113 -9.42 -15.04 1.32
N TYR B 114 -9.82 -14.32 0.27
CA TYR B 114 -8.93 -13.48 -0.53
C TYR B 114 -9.12 -11.99 -0.27
N ILE B 115 -10.13 -11.61 0.50
CA ILE B 115 -10.58 -10.22 0.70
C ILE B 115 -10.77 -10.02 2.19
N HIS B 116 -9.93 -9.19 2.81
CA HIS B 116 -10.00 -9.00 4.25
C HIS B 116 -9.30 -7.71 4.61
N PRO B 117 -9.82 -6.90 5.55
CA PRO B 117 -9.21 -5.59 5.82
C PRO B 117 -7.97 -5.66 6.70
N VAL B 118 -7.07 -4.69 6.50
CA VAL B 118 -5.88 -4.51 7.33
C VAL B 118 -6.25 -3.57 8.47
N CYS B 119 -5.52 -3.64 9.58
CA CYS B 119 -5.70 -2.69 10.65
C CYS B 119 -4.97 -1.38 10.41
N LEU B 120 -5.51 -0.29 10.99
CA LEU B 120 -4.75 0.94 11.05
C LEU B 120 -4.10 1.07 12.43
N PRO B 121 -2.89 1.60 12.54
CA PRO B 121 -2.18 1.59 13.82
C PRO B 121 -2.76 2.56 14.82
N ASP B 122 -2.74 2.14 16.07
CA ASP B 122 -2.87 3.04 17.20
C ASP B 122 -1.53 3.71 17.48
N ARG B 123 -1.54 4.71 18.37
CA ARG B 123 -0.32 5.46 18.68
C ARG B 123 0.78 4.56 19.23
N GLU B 124 0.42 3.60 20.08
CA GLU B 124 1.44 2.80 20.73
C GLU B 124 2.04 1.76 19.79
N THR B 125 1.22 1.11 18.97
CA THR B 125 1.77 0.21 17.97
C THR B 125 2.71 0.95 17.03
N ALA B 126 2.33 2.16 16.63
CA ALA B 126 3.18 2.96 15.76
C ALA B 126 4.49 3.29 16.45
N ALA B 127 4.43 3.73 17.70
CA ALA B 127 5.66 4.09 18.41
C ALA B 127 6.57 2.88 18.56
N SER B 128 5.99 1.71 18.84
N SER B 128 5.99 1.71 18.84
CA SER B 128 6.78 0.50 19.06
CA SER B 128 6.80 0.51 19.06
C SER B 128 7.46 0.02 17.79
N LEU B 129 6.77 0.11 16.67
CA LEU B 129 7.24 -0.55 15.47
C LEU B 129 7.91 0.36 14.44
N LEU B 130 7.60 1.66 14.44
CA LEU B 130 8.19 2.54 13.41
C LEU B 130 9.57 3.00 13.89
N GLN B 131 10.51 2.09 13.81
CA GLN B 131 11.86 2.28 14.34
C GLN B 131 12.87 1.81 13.30
N ALA B 132 14.00 2.52 13.22
CA ALA B 132 15.00 2.17 12.24
C ALA B 132 15.46 0.72 12.43
N GLY B 133 15.56 0.01 11.29
CA GLY B 133 15.92 -1.38 11.27
C GLY B 133 14.75 -2.34 11.32
N TYR B 134 13.60 -1.90 11.80
CA TYR B 134 12.43 -2.78 11.84
C TYR B 134 11.89 -2.86 10.43
N LYS B 135 11.52 -4.07 10.02
CA LYS B 135 11.09 -4.32 8.66
C LYS B 135 9.58 -4.30 8.51
N GLY B 136 9.14 -3.74 7.40
CA GLY B 136 7.79 -3.85 6.92
C GLY B 136 7.74 -4.54 5.58
N ARG B 137 6.56 -4.58 5.00
CA ARG B 137 6.34 -5.34 3.77
C ARG B 137 5.53 -4.49 2.83
N VAL B 138 5.97 -4.42 1.57
CA VAL B 138 5.26 -3.71 0.52
C VAL B 138 4.79 -4.71 -0.52
N THR B 139 3.57 -4.52 -1.04
CA THR B 139 3.05 -5.37 -2.09
C THR B 139 2.56 -4.49 -3.24
N GLY B 140 2.62 -5.03 -4.45
CA GLY B 140 2.08 -4.29 -5.59
C GLY B 140 2.33 -4.98 -6.91
N TRP B 141 1.71 -4.42 -7.94
CA TRP B 141 1.82 -4.91 -9.31
C TRP B 141 2.62 -3.95 -10.18
N GLY B 142 3.41 -3.09 -9.56
CA GLY B 142 4.18 -2.12 -10.31
C GLY B 142 5.39 -2.74 -10.98
N ASN B 143 6.17 -1.87 -11.61
CA ASN B 143 7.26 -2.36 -12.44
C ASN B 143 8.31 -3.10 -11.63
N LEU B 144 8.96 -4.06 -12.31
CA LEU B 144 9.98 -4.90 -11.70
C LEU B 144 11.36 -4.26 -11.74
N LYS B 145 11.51 -3.17 -12.49
CA LYS B 145 12.77 -2.47 -12.61
C LYS B 145 12.48 -1.04 -13.07
N GLU B 146 13.41 -0.16 -12.77
CA GLU B 146 13.24 1.24 -13.13
C GLU B 146 13.08 1.42 -14.63
N THR B 147 13.93 0.77 -15.42
CA THR B 147 13.88 0.89 -16.87
C THR B 147 13.69 -0.46 -17.52
N GLY B 155 9.51 -6.52 -17.62
CA GLY B 155 9.33 -5.26 -16.91
C GLY B 155 8.15 -5.25 -15.95
N GLN B 156 7.13 -6.05 -16.21
CA GLN B 156 5.93 -6.03 -15.40
C GLN B 156 5.56 -7.43 -14.93
N PRO B 157 5.05 -7.57 -13.71
CA PRO B 157 4.87 -8.92 -13.15
C PRO B 157 3.58 -9.62 -13.61
N SER B 158 3.66 -10.94 -13.62
CA SER B 158 2.47 -11.75 -13.85
C SER B 158 1.54 -11.72 -12.66
N VAL B 159 2.07 -11.74 -11.43
CA VAL B 159 1.27 -11.78 -10.21
C VAL B 159 1.80 -10.77 -9.21
N LEU B 160 0.97 -10.52 -8.20
CA LEU B 160 1.33 -9.60 -7.12
C LEU B 160 2.71 -9.91 -6.57
N GLN B 161 3.51 -8.86 -6.37
CA GLN B 161 4.86 -8.98 -5.82
C GLN B 161 4.88 -8.49 -4.39
N VAL B 162 5.84 -9.02 -3.62
CA VAL B 162 6.03 -8.72 -2.21
C VAL B 162 7.51 -8.49 -1.94
N VAL B 163 7.82 -7.51 -1.10
CA VAL B 163 9.19 -7.30 -0.64
C VAL B 163 9.18 -6.81 0.79
N ASN B 164 10.12 -7.30 1.58
CA ASN B 164 10.27 -6.89 2.96
C ASN B 164 11.44 -5.89 3.02
N LEU B 165 11.26 -4.74 3.66
CA LEU B 165 12.26 -3.66 3.67
C LEU B 165 12.41 -3.06 5.06
N PRO B 166 13.62 -2.75 5.49
CA PRO B 166 13.82 -2.10 6.79
C PRO B 166 13.56 -0.59 6.75
N ILE B 167 12.89 -0.10 7.78
CA ILE B 167 12.79 1.35 8.00
C ILE B 167 14.18 1.91 8.22
N VAL B 168 14.43 3.11 7.68
CA VAL B 168 15.75 3.74 7.71
C VAL B 168 15.74 4.92 8.68
N GLU B 169 16.90 5.14 9.32
CA GLU B 169 17.08 6.28 10.22
C GLU B 169 16.76 7.58 9.49
N ARG B 170 16.06 8.49 10.17
CA ARG B 170 15.64 9.72 9.50
C ARG B 170 16.80 10.55 8.95
N PRO B 171 17.95 10.68 9.62
CA PRO B 171 19.04 11.44 9.01
C PRO B 171 19.54 10.82 7.71
N VAL B 172 19.55 9.50 7.60
CA VAL B 172 19.95 8.84 6.38
C VAL B 172 18.94 9.12 5.27
N CYS B 173 17.64 9.03 5.58
CA CYS B 173 16.61 9.39 4.61
C CYS B 173 16.85 10.81 4.09
N LYS B 174 17.01 11.75 5.01
CA LYS B 174 17.20 13.15 4.64
C LYS B 174 18.44 13.35 3.76
N ASP B 175 19.54 12.70 4.13
CA ASP B 175 20.81 12.89 3.44
C ASP B 175 20.88 12.19 2.10
N SER B 176 19.87 11.40 1.77
CA SER B 176 19.85 10.72 0.49
C SER B 176 19.22 11.52 -0.63
N THR B 177 18.59 12.66 -0.33
CA THR B 177 17.67 13.29 -1.25
C THR B 177 17.78 14.80 -1.18
N ARG B 178 17.32 15.46 -2.23
CA ARG B 178 17.14 16.90 -2.22
C ARG B 178 15.71 17.33 -1.93
N ILE B 179 14.78 16.38 -1.89
CA ILE B 179 13.40 16.67 -1.54
C ILE B 179 13.33 16.99 -0.05
N ARG B 180 12.48 17.94 0.30
CA ARG B 180 12.25 18.27 1.72
C ARG B 180 11.37 17.20 2.34
N ILE B 181 11.91 16.46 3.24
N ILE B 181 11.96 16.42 3.25
CA ILE B 181 11.12 15.43 3.91
CA ILE B 181 11.24 15.41 4.02
C ILE B 181 10.46 16.00 5.16
C ILE B 181 10.39 16.11 5.09
N THR B 182 9.30 15.44 5.50
CA THR B 182 8.48 15.89 6.61
C THR B 182 8.17 14.74 7.55
N ASP B 183 7.62 15.10 8.72
CA ASP B 183 7.21 14.11 9.73
C ASP B 183 6.08 13.22 9.21
N ASN B 184 5.43 13.58 8.12
CA ASN B 184 4.35 12.78 7.55
C ASN B 184 4.86 11.72 6.59
N MET B 185 6.17 11.48 6.58
CA MET B 185 6.82 10.51 5.72
C MET B 185 7.81 9.70 6.52
N PHE B 186 8.06 8.48 6.09
CA PHE B 186 9.23 7.74 6.55
C PHE B 186 9.86 7.07 5.33
N CYS B 187 11.11 6.64 5.43
CA CYS B 187 11.73 5.94 4.30
C CYS B 187 12.20 4.55 4.71
N ALA B 188 12.32 3.69 3.71
CA ALA B 188 12.68 2.30 3.90
C ALA B 188 13.46 1.76 2.72
N GLY B 189 14.29 0.78 3.00
CA GLY B 189 15.16 0.16 2.02
C GLY B 189 16.50 -0.21 2.60
N TYR B 190 17.23 -1.04 1.88
CA TYR B 190 18.58 -1.42 2.29
C TYR B 190 19.61 -0.36 1.91
N LYS B 191 20.67 -0.30 2.69
CA LYS B 191 21.79 0.55 2.39
C LYS B 191 22.72 -0.13 1.39
N PRO B 192 23.55 0.65 0.67
CA PRO B 192 24.42 0.06 -0.36
C PRO B 192 25.27 -1.10 0.13
N ASP B 193 25.74 -1.07 1.36
CA ASP B 193 26.66 -2.12 1.82
C ASP B 193 25.95 -3.40 2.27
N GLU B 194 24.62 -3.42 2.33
CA GLU B 194 23.92 -4.44 3.10
C GLU B 194 23.73 -5.78 2.37
N GLY B 195 23.93 -5.86 1.07
CA GLY B 195 23.88 -7.15 0.40
C GLY B 195 22.49 -7.69 0.10
N LYS B 196 21.45 -6.95 0.44
CA LYS B 196 20.07 -7.21 0.04
C LYS B 196 19.58 -5.91 -0.60
N ARG B 197 18.54 -5.99 -1.42
CA ARG B 197 18.00 -4.78 -2.06
C ARG B 197 16.50 -4.91 -2.17
N GLY B 198 15.86 -4.01 -2.91
CA GLY B 198 14.42 -4.02 -3.08
C GLY B 198 13.85 -2.63 -2.94
N ASP B 199 12.72 -2.38 -3.58
CA ASP B 199 12.07 -1.08 -3.55
C ASP B 199 10.70 -1.21 -4.16
N SER B 200 9.88 -0.21 -3.91
CA SER B 200 8.69 0.06 -4.70
C SER B 200 9.10 0.66 -6.03
N CYS B 201 8.14 0.71 -6.96
CA CYS B 201 8.40 1.36 -8.23
C CYS B 201 7.08 1.86 -8.82
N GLU B 202 7.18 2.46 -10.00
CA GLU B 202 6.02 2.93 -10.73
C GLU B 202 4.94 1.86 -10.78
N GLY B 203 3.73 2.26 -10.41
CA GLY B 203 2.58 1.36 -10.38
C GLY B 203 2.31 0.78 -9.02
N ASP B 204 3.29 0.82 -8.10
CA ASP B 204 3.07 0.40 -6.72
C ASP B 204 2.47 1.50 -5.86
N SER B 205 2.52 2.75 -6.34
CA SER B 205 1.95 3.92 -5.67
C SER B 205 0.62 3.58 -5.04
N GLY B 206 0.42 4.05 -3.82
CA GLY B 206 -0.86 3.90 -3.16
C GLY B 206 -1.03 2.59 -2.44
N GLY B 207 -0.17 1.62 -2.64
CA GLY B 207 -0.28 0.36 -1.93
C GLY B 207 0.28 0.44 -0.52
N PRO B 208 0.09 -0.63 0.23
CA PRO B 208 0.38 -0.61 1.67
C PRO B 208 1.78 -1.08 2.04
N PHE B 209 2.35 -0.40 3.05
CA PHE B 209 3.53 -0.83 3.79
C PHE B 209 3.00 -1.33 5.11
N VAL B 210 3.09 -2.62 5.35
CA VAL B 210 2.48 -3.25 6.50
C VAL B 210 3.53 -3.86 7.42
N MET B 211 3.16 -4.00 8.70
CA MET B 211 3.99 -4.63 9.73
C MET B 211 3.10 -5.53 10.56
N LYS B 212 3.64 -6.66 11.01
CA LYS B 212 2.87 -7.62 11.81
C LYS B 212 3.22 -7.38 13.26
N SER B 213 2.25 -6.90 14.03
CA SER B 213 2.52 -6.64 15.44
C SER B 213 2.92 -7.92 16.17
N PRO B 214 4.04 -7.91 16.89
CA PRO B 214 4.37 -9.08 17.70
C PRO B 214 3.63 -9.15 19.02
N PHE B 215 2.84 -8.12 19.33
CA PHE B 215 2.07 -8.06 20.55
C PHE B 215 0.74 -8.75 20.39
N ASN B 216 0.08 -8.59 19.24
CA ASN B 216 -1.25 -9.17 19.02
C ASN B 216 -1.38 -9.96 17.71
N ASN B 217 -0.29 -10.13 16.98
CA ASN B 217 -0.23 -10.97 15.80
C ASN B 217 -1.18 -10.52 14.69
N ARG B 218 -1.44 -9.22 14.61
CA ARG B 218 -2.25 -8.63 13.57
C ARG B 218 -1.40 -7.74 12.67
N TRP B 219 -1.80 -7.67 11.40
CA TRP B 219 -1.16 -6.80 10.45
C TRP B 219 -1.74 -5.40 10.48
N TYR B 220 -0.83 -4.43 10.52
CA TYR B 220 -1.11 -3.00 10.54
C TYR B 220 -0.49 -2.31 9.35
N GLN B 221 -1.23 -1.38 8.77
CA GLN B 221 -0.70 -0.56 7.69
C GLN B 221 -0.05 0.70 8.24
N MET B 222 1.26 0.74 8.21
CA MET B 222 2.04 1.86 8.69
C MET B 222 2.28 2.90 7.63
N GLY B 223 2.33 2.50 6.35
CA GLY B 223 2.73 3.40 5.30
C GLY B 223 1.90 3.17 4.05
N ILE B 224 1.99 4.17 3.16
CA ILE B 224 1.44 4.14 1.80
C ILE B 224 2.59 4.42 0.84
N VAL B 225 2.73 3.60 -0.21
CA VAL B 225 3.75 3.84 -1.22
C VAL B 225 3.60 5.23 -1.81
N SER B 226 4.60 6.09 -1.62
CA SER B 226 4.50 7.51 -1.99
C SER B 226 5.50 7.93 -3.05
N TRP B 227 6.80 7.96 -2.78
CA TRP B 227 7.73 8.52 -3.75
C TRP B 227 9.12 7.92 -3.61
N GLY B 228 9.89 8.05 -4.71
CA GLY B 228 11.25 7.59 -4.76
C GLY B 228 11.93 8.24 -5.94
N GLU B 229 13.23 8.17 -5.97
CA GLU B 229 13.99 8.74 -7.07
C GLU B 229 14.54 7.56 -7.87
N GLY B 230 13.90 7.29 -9.00
CA GLY B 230 14.15 6.01 -9.63
C GLY B 230 13.55 4.89 -8.78
N CYS B 231 14.06 3.68 -8.99
CA CYS B 231 13.63 2.51 -8.21
C CYS B 231 14.84 1.64 -7.91
N ASP B 232 15.02 1.30 -6.64
CA ASP B 232 16.09 0.39 -6.19
C ASP B 232 17.46 0.93 -6.55
N ARG B 233 17.63 2.23 -6.51
CA ARG B 233 18.96 2.81 -6.70
C ARG B 233 19.79 2.73 -5.42
N ASP B 234 21.09 2.44 -5.56
CA ASP B 234 21.96 2.44 -4.39
C ASP B 234 22.00 3.84 -3.81
N GLY B 235 21.83 3.92 -2.49
CA GLY B 235 21.92 5.17 -1.77
C GLY B 235 20.66 5.99 -1.79
N LYS B 236 19.60 5.49 -2.44
CA LYS B 236 18.28 6.11 -2.43
C LYS B 236 17.37 5.16 -1.67
N TYR B 237 16.21 5.68 -1.27
CA TYR B 237 15.24 4.96 -0.46
C TYR B 237 13.84 5.26 -0.97
N GLY B 238 12.93 4.34 -0.69
CA GLY B 238 11.54 4.62 -0.92
C GLY B 238 10.92 5.37 0.25
N PHE B 239 10.01 6.28 -0.07
CA PHE B 239 9.30 7.08 0.93
C PHE B 239 7.81 6.75 0.95
N TYR B 240 7.30 6.68 2.18
CA TYR B 240 5.97 6.17 2.48
C TYR B 240 5.22 7.15 3.36
N THR B 241 3.95 7.38 3.04
CA THR B 241 3.09 8.23 3.88
C THR B 241 2.96 7.62 5.26
N HIS B 242 3.10 8.44 6.29
CA HIS B 242 3.04 8.00 7.68
C HIS B 242 1.58 7.96 8.11
N VAL B 243 0.98 6.77 8.01
CA VAL B 243 -0.47 6.62 8.21
C VAL B 243 -0.90 7.06 9.60
N PHE B 244 -0.16 6.68 10.65
CA PHE B 244 -0.59 7.09 11.97
C PHE B 244 -0.63 8.61 12.10
N ARG B 245 0.36 9.32 11.56
CA ARG B 245 0.39 10.77 11.71
C ARG B 245 -0.84 11.44 11.09
N LEU B 246 -1.47 10.79 10.11
CA LEU B 246 -2.61 11.33 9.39
C LEU B 246 -3.91 10.65 9.79
N LYS B 247 -3.89 9.86 10.87
CA LYS B 247 -5.05 9.06 11.20
C LYS B 247 -6.21 9.92 11.70
N LYS B 248 -5.93 11.08 12.28
CA LYS B 248 -7.02 11.95 12.71
C LYS B 248 -7.89 12.36 11.53
N TRP B 249 -7.27 12.66 10.40
CA TRP B 249 -8.01 12.98 9.18
C TRP B 249 -8.79 11.75 8.68
N ILE B 250 -8.16 10.59 8.67
CA ILE B 250 -8.85 9.37 8.24
C ILE B 250 -10.11 9.18 9.06
N GLN B 251 -9.97 9.30 10.38
CA GLN B 251 -11.09 9.06 11.28
C GLN B 251 -12.18 10.09 11.08
N LYS B 252 -11.80 11.35 10.87
CA LYS B 252 -12.78 12.40 10.63
C LYS B 252 -13.61 12.12 9.38
N VAL B 253 -12.97 11.69 8.30
CA VAL B 253 -13.70 11.40 7.06
C VAL B 253 -14.65 10.24 7.26
N ILE B 254 -14.17 9.14 7.85
CA ILE B 254 -15.02 7.97 7.99
C ILE B 254 -16.18 8.26 8.93
N ASP B 255 -15.91 8.98 10.03
CA ASP B 255 -17.00 9.27 10.96
C ASP B 255 -18.05 10.18 10.33
N GLN B 256 -17.60 11.15 9.53
CA GLN B 256 -18.52 12.13 8.96
C GLN B 256 -19.25 11.59 7.74
N PHE B 257 -18.67 10.63 7.02
CA PHE B 257 -19.19 10.25 5.71
C PHE B 257 -19.50 8.78 5.63
N ASP C 2 -3.44 -5.24 -22.79
CA ASP C 2 -2.63 -6.19 -22.02
C ASP C 2 -3.46 -6.85 -20.92
N PHE C 3 -4.56 -6.21 -20.55
CA PHE C 3 -5.44 -6.72 -19.50
C PHE C 3 -6.61 -7.48 -20.11
N GLU C 4 -7.00 -8.58 -19.47
CA GLU C 4 -8.21 -9.28 -19.87
C GLU C 4 -9.41 -8.39 -19.61
N GLU C 5 -10.31 -8.33 -20.59
CA GLU C 5 -11.48 -7.47 -20.48
C GLU C 5 -12.30 -7.88 -19.25
N ILE C 6 -12.74 -6.89 -18.49
CA ILE C 6 -13.56 -7.21 -17.32
C ILE C 6 -15.02 -7.26 -17.76
N PRO C 7 -15.89 -7.87 -16.97
CA PRO C 7 -17.29 -8.02 -17.38
C PRO C 7 -17.96 -6.66 -17.59
N GLU C 8 -18.81 -6.59 -18.62
CA GLU C 8 -19.42 -5.32 -19.01
C GLU C 8 -20.23 -4.71 -17.87
N GLU C 9 -20.73 -5.51 -16.96
CA GLU C 9 -21.59 -5.00 -15.88
C GLU C 9 -20.88 -3.97 -15.01
N TYS C 10 -19.56 -4.05 -14.93
CA TYS C 10 -18.82 -3.16 -14.07
CB TYS C 10 -17.51 -3.80 -13.62
CG TYS C 10 -17.76 -5.06 -12.83
CD1 TYS C 10 -18.43 -5.03 -11.62
CD2 TYS C 10 -17.34 -6.26 -13.36
CE1 TYS C 10 -18.66 -6.23 -10.94
CE2 TYS C 10 -17.54 -7.45 -12.68
CZ TYS C 10 -18.20 -7.43 -11.47
OH TYS C 10 -18.41 -8.62 -10.83
S TYS C 10 -17.38 -9.13 -9.80
O1 TYS C 10 -17.84 -10.47 -9.40
O2 TYS C 10 -16.06 -9.20 -10.37
O3 TYS C 10 -17.49 -8.14 -8.58
C TYS C 10 -18.53 -1.85 -14.77
O TYS C 10 -18.06 -0.91 -14.11
H TYS C 10 -19.11 -4.63 -15.39
HA TYS C 10 -19.35 -2.97 -13.28
HB2 TYS C 10 -17.00 -3.17 -13.08
HB3 TYS C 10 -16.97 -4.01 -14.41
HD1 TYS C 10 -18.73 -4.23 -11.26
HD2 TYS C 10 -16.89 -6.28 -14.18
HE1 TYS C 10 -19.09 -6.22 -10.12
HE2 TYS C 10 -17.25 -8.25 -13.04
HO3 TYS C 10 -16.99 -8.25 -7.90
N LEU C 11 -18.80 -1.78 -16.07
CA LEU C 11 -18.54 -0.56 -16.83
C LEU C 11 -19.81 0.21 -17.14
N GLN C 12 -20.92 -0.17 -16.51
CA GLN C 12 -22.21 0.49 -16.76
C GLN C 12 -22.16 1.93 -16.31
C1 23U D . 11.35 12.75 -7.12
C2 23U D . 12.38 12.58 -6.21
C3 23U D . 13.63 13.15 -6.42
C4 23U D . 13.86 13.87 -7.56
C5 23U D . 12.86 14.03 -8.50
C6 23U D . 11.61 13.48 -8.27
C7 23U D . 9.04 13.22 -6.29
C8 23U D . 9.96 12.16 -6.87
C9 23U D . 9.36 11.35 -8.04
N2 23U D . 10.36 10.44 -8.65
C10 23U D . 8.21 10.50 -7.50
O32 23U D . 8.46 9.57 -6.76
N1 23U D . 6.95 10.74 -7.89
C11 23U D . 6.45 11.75 -8.86
C12 23U D . 4.97 11.82 -8.55
C13 23U D . 4.61 10.38 -8.10
C14 23U D . 5.87 9.87 -7.39
C15 23U D . 6.14 8.42 -7.76
N23 23U D . 5.86 7.53 -6.82
C16 23U D . 6.05 6.10 -7.03
C17 23U D . 7.22 5.50 -6.30
C18 23U D . 8.37 5.14 -6.99
C19 23U D . 9.46 4.59 -6.34
C20 23U D . 9.41 4.37 -4.96
C21 23U D . 8.25 4.72 -4.29
C22 23U D . 7.17 5.29 -4.93
CL1 23U D . 8.15 4.44 -2.56
O22 23U D . 6.57 8.12 -8.87
C23 23U D . 8.84 13.32 -4.92
C24 23U D . 8.02 14.30 -4.39
C25 23U D . 7.39 15.22 -5.23
C26 23U D . 7.59 15.13 -6.59
C27 23U D . 8.40 14.15 -7.12
S DMS E . 10.73 6.39 11.50
O DMS E . 11.03 7.48 10.53
C1 DMS E . 12.34 5.92 12.18
C2 DMS E . 10.10 7.23 12.97
P PO4 F . 3.46 21.91 3.67
O1 PO4 F . 2.06 21.69 3.09
O2 PO4 F . 4.24 20.70 3.19
O3 PO4 F . 3.34 21.96 5.18
O4 PO4 F . 4.07 23.13 2.99
C1 GOL G . -0.58 22.20 1.86
O1 GOL G . 0.58 22.33 1.06
C2 GOL G . -0.77 23.40 2.81
O2 GOL G . -0.05 23.23 4.05
C3 GOL G . -2.25 23.49 3.18
O3 GOL G . -3.09 23.26 2.07
C1 GOL H . 16.29 10.22 -2.96
O1 GOL H . 15.69 11.26 -3.62
C2 GOL H . 15.31 9.49 -2.05
O2 GOL H . 16.19 8.62 -1.37
C3 GOL H . 14.09 8.87 -2.77
O3 GOL H . 14.57 7.77 -3.57
C1 GOL I . 12.65 15.47 10.68
O1 GOL I . 13.12 14.14 10.51
C2 GOL I . 11.92 15.83 9.39
O2 GOL I . 10.76 15.00 9.28
C3 GOL I . 11.62 17.32 9.22
O3 GOL I . 10.70 17.76 10.24
C1 GOL J . 8.21 11.14 12.16
O1 GOL J . 6.87 11.51 12.33
C2 GOL J . 9.09 11.22 13.43
O2 GOL J . 8.38 10.61 14.50
C3 GOL J . 9.38 12.66 13.87
O3 GOL J . 10.46 13.27 13.16
NA NA K . 18.07 1.94 -2.67
NA NA L . 18.96 16.18 1.84
C1 GOL M . 1.26 5.69 -10.42
O1 GOL M . 0.86 4.32 -10.52
C2 GOL M . 2.76 5.76 -10.66
O2 GOL M . 3.42 4.98 -9.68
C3 GOL M . 3.30 7.17 -10.56
O3 GOL M . 4.67 7.20 -10.95
#